data_7MY1
#
_entry.id   7MY1
#
_cell.length_a   60.720
_cell.length_b   73.261
_cell.length_c   68.817
_cell.angle_alpha   90.000
_cell.angle_beta   109.170
_cell.angle_gamma   90.000
#
_symmetry.space_group_name_H-M   'C 1 2 1'
#
loop_
_entity.id
_entity.type
_entity.pdbx_description
1 polymer 'Geranylgeranyl pyrophosphate synthase'
2 non-polymer '3-METHYLBUT-3-ENYL TRIHYDROGEN DIPHOSPHATE'
3 non-polymer 'MAGNESIUM ION'
4 non-polymer 'CHLORIDE ION'
5 water water
#
_entity_poly.entity_id   1
_entity_poly.type   'polypeptide(L)'
_entity_poly.pdbx_seq_one_letter_code
;MGSSHHHHHHSSGLVPRGSHMMVAQQTRTDFDLAQYLQVKKGVVEAALDSSLAIARPEKIYEAMRYSLLAGGKRLRPILC
ITACELCGGDEALALPTACALEMIHTMSLIHDDLPSMDNDDFRRGKPTNHKVYGEDIAILAGDGLLAYAFEYVVTHTPQA
DPQALLQVIARLGRTVGAAGLVGGQVLDLESEGRTDITPETLTFIHTHKTGALLEASVLTGAILAGATGEQQQRLARYAQ
NIGLAFQVVDDILDITATQEELGKTAGKDVKAQKATYPSLLGLEASRAQAQSLIDQAIVALEPFGPSAEPLQAIAEYIVA
RKY
;
_entity_poly.pdbx_strand_id   AAA
#
loop_
_chem_comp.id
_chem_comp.type
_chem_comp.name
_chem_comp.formula
CL non-polymer 'CHLORIDE ION' 'Cl -1'
IPE non-polymer '3-METHYLBUT-3-ENYL TRIHYDROGEN DIPHOSPHATE' 'C5 H12 O7 P2'
MG non-polymer 'MAGNESIUM ION' 'Mg 2'
#
# COMPACT_ATOMS: atom_id res chain seq x y z
N ARG A 28 -12.79 -27.00 4.80
CA ARG A 28 -12.63 -25.95 5.87
C ARG A 28 -13.91 -25.11 5.96
N THR A 29 -14.49 -24.99 7.16
CA THR A 29 -15.74 -24.21 7.40
C THR A 29 -15.47 -22.88 8.09
N ASP A 30 -14.33 -22.64 8.77
CA ASP A 30 -14.21 -21.35 9.49
C ASP A 30 -13.18 -20.46 8.80
N PHE A 31 -13.32 -19.17 9.07
CA PHE A 31 -12.47 -18.12 8.53
C PHE A 31 -11.13 -18.19 9.28
N ASP A 32 -10.01 -18.37 8.59
CA ASP A 32 -8.66 -18.22 9.19
C ASP A 32 -7.89 -17.17 8.36
N LEU A 33 -7.43 -16.09 9.00
CA LEU A 33 -6.78 -14.95 8.32
C LEU A 33 -5.54 -15.45 7.57
N ALA A 34 -4.63 -16.13 8.27
CA ALA A 34 -3.35 -16.64 7.70
C ALA A 34 -3.65 -17.36 6.38
N GLN A 35 -4.69 -18.20 6.32
CA GLN A 35 -4.95 -19.03 5.12
C GLN A 35 -5.66 -18.18 4.06
N TYR A 36 -6.57 -17.31 4.50
CA TYR A 36 -7.27 -16.36 3.59
C TYR A 36 -6.18 -15.58 2.84
N LEU A 37 -5.23 -15.01 3.59
CA LEU A 37 -4.15 -14.19 2.99
C LEU A 37 -3.29 -15.05 2.07
N GLN A 38 -2.93 -16.27 2.50
N GLN A 38 -2.93 -16.27 2.47
CA GLN A 38 -2.06 -17.21 1.73
CA GLN A 38 -2.00 -17.09 1.65
C GLN A 38 -2.67 -17.40 0.34
C GLN A 38 -2.67 -17.38 0.30
N VAL A 39 -3.98 -17.65 0.28
CA VAL A 39 -4.69 -17.94 -0.98
C VAL A 39 -4.68 -16.70 -1.88
N LYS A 40 -4.95 -15.52 -1.32
CA LYS A 40 -5.00 -14.25 -2.10
C LYS A 40 -3.58 -13.91 -2.57
N LYS A 41 -2.58 -14.02 -1.69
CA LYS A 41 -1.15 -13.77 -1.99
C LYS A 41 -0.71 -14.63 -3.20
N GLY A 42 -1.14 -15.89 -3.26
CA GLY A 42 -0.77 -16.82 -4.35
C GLY A 42 -1.36 -16.35 -5.68
N VAL A 43 -2.66 -16.03 -5.68
CA VAL A 43 -3.39 -15.56 -6.88
C VAL A 43 -2.71 -14.29 -7.39
N VAL A 44 -2.24 -13.45 -6.48
CA VAL A 44 -1.71 -12.11 -6.82
C VAL A 44 -0.34 -12.34 -7.42
N GLU A 45 0.50 -13.15 -6.78
CA GLU A 45 1.91 -13.31 -7.19
C GLU A 45 1.95 -14.02 -8.54
N ALA A 46 0.93 -14.82 -8.87
CA ALA A 46 0.78 -15.53 -10.15
C ALA A 46 0.41 -14.52 -11.24
N ALA A 47 -0.59 -13.67 -10.96
CA ALA A 47 -1.03 -12.55 -11.84
C ALA A 47 0.17 -11.63 -12.11
N LEU A 48 0.93 -11.22 -11.09
CA LEU A 48 2.09 -10.29 -11.24
C LEU A 48 3.12 -10.94 -12.15
N ASP A 49 3.43 -12.21 -11.90
CA ASP A 49 4.43 -12.97 -12.69
C ASP A 49 4.01 -12.91 -14.16
N SER A 50 2.75 -13.26 -14.44
CA SER A 50 2.10 -13.28 -15.77
C SER A 50 2.25 -11.92 -16.43
N SER A 51 2.10 -10.85 -15.66
CA SER A 51 1.91 -9.46 -16.18
C SER A 51 3.18 -8.95 -16.87
N LEU A 52 4.34 -9.47 -16.54
CA LEU A 52 5.62 -9.03 -17.18
C LEU A 52 6.28 -10.17 -17.93
N ALA A 53 5.89 -10.41 -19.17
CA ALA A 53 6.61 -11.30 -20.12
C ALA A 53 7.85 -10.56 -20.63
N ILE A 54 9.03 -11.15 -20.46
CA ILE A 54 10.30 -10.50 -20.88
C ILE A 54 10.28 -10.30 -22.40
N ALA A 55 10.58 -9.08 -22.86
CA ALA A 55 10.67 -8.68 -24.28
C ALA A 55 11.86 -7.74 -24.39
N ARG A 56 12.18 -7.30 -25.61
N ARG A 56 12.17 -7.29 -25.60
CA ARG A 56 13.26 -6.32 -25.87
CA ARG A 56 13.25 -6.31 -25.87
C ARG A 56 12.79 -4.96 -25.38
C ARG A 56 12.77 -4.95 -25.36
N PRO A 57 13.59 -4.20 -24.60
CA PRO A 57 14.90 -4.66 -24.10
C PRO A 57 14.73 -5.50 -22.83
N GLU A 58 15.22 -6.75 -22.85
CA GLU A 58 15.02 -7.71 -21.74
C GLU A 58 15.37 -7.07 -20.39
N LYS A 59 16.37 -6.20 -20.33
CA LYS A 59 16.92 -5.68 -19.06
C LYS A 59 15.84 -4.95 -18.26
N ILE A 60 14.94 -4.21 -18.93
CA ILE A 60 13.97 -3.37 -18.18
C ILE A 60 12.95 -4.33 -17.58
N TYR A 61 12.64 -5.39 -18.28
CA TYR A 61 11.70 -6.42 -17.77
C TYR A 61 12.39 -7.17 -16.63
N GLU A 62 13.69 -7.46 -16.72
CA GLU A 62 14.42 -8.17 -15.62
C GLU A 62 14.39 -7.28 -14.37
N ALA A 63 14.75 -6.01 -14.54
CA ALA A 63 14.81 -5.04 -13.44
C ALA A 63 13.42 -4.88 -12.78
N MET A 64 12.36 -4.72 -13.56
CA MET A 64 10.98 -4.56 -13.01
C MET A 64 10.56 -5.83 -12.25
N ARG A 65 10.80 -6.99 -12.85
CA ARG A 65 10.42 -8.30 -12.29
C ARG A 65 11.17 -8.55 -10.98
N TYR A 66 12.42 -8.09 -10.89
CA TYR A 66 13.29 -8.29 -9.72
C TYR A 66 12.57 -7.76 -8.48
N SER A 67 12.11 -6.50 -8.55
CA SER A 67 11.40 -5.79 -7.45
C SER A 67 9.93 -6.21 -7.34
N LEU A 68 9.19 -6.34 -8.43
CA LEU A 68 7.76 -6.68 -8.35
C LEU A 68 7.56 -8.09 -7.74
N LEU A 69 8.42 -9.05 -8.07
CA LEU A 69 8.20 -10.47 -7.68
C LEU A 69 9.05 -10.87 -6.46
N ALA A 70 9.59 -9.89 -5.74
CA ALA A 70 10.49 -10.07 -4.59
C ALA A 70 9.73 -10.58 -3.35
N GLY A 71 8.41 -10.74 -3.44
CA GLY A 71 7.58 -11.26 -2.33
C GLY A 71 7.14 -10.12 -1.43
N GLY A 72 6.80 -10.41 -0.17
CA GLY A 72 6.24 -9.44 0.79
C GLY A 72 4.80 -9.78 1.06
N LYS A 73 4.11 -8.99 1.89
CA LYS A 73 2.74 -9.27 2.40
C LYS A 73 1.70 -9.09 1.28
N ARG A 74 2.02 -8.37 0.20
CA ARG A 74 1.02 -8.03 -0.84
C ARG A 74 -0.27 -7.48 -0.19
N LEU A 75 -0.12 -6.70 0.87
CA LEU A 75 -1.29 -6.12 1.58
C LEU A 75 -2.21 -5.35 0.63
N ARG A 76 -1.67 -4.49 -0.23
CA ARG A 76 -2.50 -3.52 -0.99
C ARG A 76 -3.40 -4.22 -2.00
N PRO A 77 -2.84 -5.13 -2.83
CA PRO A 77 -3.67 -5.90 -3.72
C PRO A 77 -4.75 -6.67 -2.95
N ILE A 78 -4.36 -7.32 -1.87
CA ILE A 78 -5.28 -8.14 -1.02
C ILE A 78 -6.38 -7.22 -0.48
N LEU A 79 -6.03 -6.04 0.02
CA LEU A 79 -7.05 -5.07 0.47
C LEU A 79 -8.01 -4.74 -0.67
N CYS A 80 -7.48 -4.50 -1.88
CA CYS A 80 -8.28 -4.18 -3.08
C CYS A 80 -9.24 -5.33 -3.33
N ILE A 81 -8.72 -6.56 -3.43
CA ILE A 81 -9.59 -7.73 -3.72
C ILE A 81 -10.63 -7.84 -2.60
N THR A 82 -10.18 -7.78 -1.36
CA THR A 82 -11.06 -7.88 -0.17
C THR A 82 -12.17 -6.83 -0.22
N ALA A 83 -11.85 -5.56 -0.43
CA ALA A 83 -12.86 -4.48 -0.41
C ALA A 83 -13.85 -4.66 -1.56
N CYS A 84 -13.38 -5.16 -2.72
CA CYS A 84 -14.21 -5.40 -3.91
C CYS A 84 -15.24 -6.49 -3.57
N GLU A 85 -14.78 -7.61 -3.01
CA GLU A 85 -15.65 -8.71 -2.53
C GLU A 85 -16.61 -8.18 -1.45
N LEU A 86 -16.09 -7.48 -0.44
CA LEU A 86 -16.97 -6.82 0.57
C LEU A 86 -18.16 -6.16 -0.12
N CYS A 87 -17.95 -5.47 -1.24
CA CYS A 87 -19.00 -4.59 -1.81
C CYS A 87 -19.82 -5.29 -2.90
N GLY A 88 -19.63 -6.59 -3.12
CA GLY A 88 -20.45 -7.37 -4.06
C GLY A 88 -19.78 -7.56 -5.41
N GLY A 89 -18.50 -7.18 -5.53
CA GLY A 89 -17.66 -7.46 -6.70
C GLY A 89 -17.01 -8.81 -6.57
N ASP A 90 -16.05 -9.16 -7.43
CA ASP A 90 -15.30 -10.43 -7.29
C ASP A 90 -13.82 -10.22 -7.59
N GLU A 91 -13.02 -11.26 -7.34
CA GLU A 91 -11.55 -11.27 -7.51
C GLU A 91 -11.22 -10.96 -8.97
N ALA A 92 -11.99 -11.47 -9.93
CA ALA A 92 -11.71 -11.24 -11.38
C ALA A 92 -11.82 -9.75 -11.67
N LEU A 93 -12.83 -9.09 -11.10
CA LEU A 93 -13.04 -7.63 -11.35
C LEU A 93 -11.86 -6.81 -10.77
N ALA A 94 -11.27 -7.26 -9.65
CA ALA A 94 -10.37 -6.45 -8.80
C ALA A 94 -8.90 -6.75 -9.11
N LEU A 95 -8.64 -7.93 -9.67
CA LEU A 95 -7.26 -8.41 -9.75
C LEU A 95 -6.39 -7.43 -10.56
N PRO A 96 -6.81 -6.87 -11.72
CA PRO A 96 -5.93 -5.98 -12.49
C PRO A 96 -5.55 -4.72 -11.67
N THR A 97 -6.53 -4.07 -11.04
CA THR A 97 -6.31 -2.92 -10.10
C THR A 97 -5.41 -3.36 -8.91
N ALA A 98 -5.67 -4.56 -8.37
CA ALA A 98 -4.87 -5.10 -7.28
C ALA A 98 -3.42 -5.12 -7.73
N CYS A 99 -3.14 -5.64 -8.95
CA CYS A 99 -1.77 -5.71 -9.43
C CYS A 99 -1.20 -4.29 -9.57
N ALA A 100 -1.95 -3.43 -10.22
CA ALA A 100 -1.53 -2.03 -10.47
C ALA A 100 -1.11 -1.39 -9.14
N LEU A 101 -1.80 -1.67 -8.06
CA LEU A 101 -1.49 -1.08 -6.74
C LEU A 101 -0.15 -1.60 -6.25
N GLU A 102 0.13 -2.88 -6.52
CA GLU A 102 1.41 -3.45 -6.09
C GLU A 102 2.52 -2.87 -6.99
N MET A 103 2.26 -2.64 -8.29
CA MET A 103 3.24 -2.05 -9.23
C MET A 103 3.57 -0.67 -8.69
N ILE A 104 2.54 0.05 -8.30
CA ILE A 104 2.75 1.42 -7.75
C ILE A 104 3.56 1.32 -6.46
N HIS A 105 3.19 0.42 -5.57
CA HIS A 105 3.94 0.24 -4.30
C HIS A 105 5.41 -0.01 -4.59
N THR A 106 5.69 -0.97 -5.51
CA THR A 106 7.05 -1.39 -5.88
C THR A 106 7.81 -0.21 -6.45
N MET A 107 7.24 0.51 -7.39
CA MET A 107 7.89 1.73 -7.92
C MET A 107 8.32 2.65 -6.76
N SER A 108 7.45 2.86 -5.78
CA SER A 108 7.72 3.81 -4.67
C SER A 108 8.91 3.26 -3.87
N LEU A 109 9.02 1.92 -3.73
CA LEU A 109 10.13 1.30 -2.97
C LEU A 109 11.42 1.46 -3.76
N ILE A 110 11.40 1.12 -5.06
CA ILE A 110 12.61 1.25 -5.92
C ILE A 110 13.16 2.67 -5.79
N HIS A 111 12.30 3.66 -6.01
CA HIS A 111 12.66 5.10 -5.92
C HIS A 111 13.08 5.47 -4.48
N ASP A 112 12.44 4.93 -3.46
CA ASP A 112 12.75 5.29 -2.05
C ASP A 112 14.19 4.83 -1.73
N ASP A 113 14.60 3.67 -2.21
CA ASP A 113 15.89 3.03 -1.85
C ASP A 113 17.08 3.76 -2.48
N LEU A 114 16.84 4.60 -3.51
CA LEU A 114 17.92 5.18 -4.35
C LEU A 114 18.93 5.94 -3.50
N PRO A 115 20.24 5.93 -3.87
CA PRO A 115 21.26 6.75 -3.22
C PRO A 115 20.84 8.19 -2.96
N SER A 116 20.10 8.80 -3.90
CA SER A 116 19.64 10.21 -3.78
C SER A 116 18.56 10.31 -2.70
N MET A 117 18.00 9.19 -2.25
CA MET A 117 16.91 9.19 -1.23
C MET A 117 17.43 8.48 0.02
N ASP A 118 17.07 7.23 0.28
CA ASP A 118 17.42 6.54 1.54
C ASP A 118 18.78 5.86 1.46
N ASN A 119 19.19 5.46 0.25
CA ASN A 119 20.44 4.72 -0.04
C ASN A 119 20.50 3.41 0.76
N ASP A 120 19.48 2.58 0.66
CA ASP A 120 19.47 1.23 1.27
C ASP A 120 20.14 0.29 0.26
N ASP A 121 21.01 -0.61 0.72
CA ASP A 121 21.76 -1.55 -0.16
C ASP A 121 20.99 -2.85 -0.16
N PHE A 122 20.03 -2.96 0.76
CA PHE A 122 19.24 -4.19 1.00
C PHE A 122 17.79 -3.82 1.26
N ARG A 123 16.89 -4.77 1.04
CA ARG A 123 15.42 -4.65 1.23
C ARG A 123 14.83 -6.06 1.40
N ARG A 124 14.14 -6.29 2.51
CA ARG A 124 13.53 -7.60 2.89
C ARG A 124 14.56 -8.72 2.68
N GLY A 125 15.82 -8.47 3.08
CA GLY A 125 16.92 -9.44 3.06
C GLY A 125 17.54 -9.62 1.68
N LYS A 126 17.06 -8.91 0.66
CA LYS A 126 17.57 -9.02 -0.72
C LYS A 126 18.26 -7.70 -1.10
N PRO A 127 19.27 -7.69 -1.99
CA PRO A 127 19.86 -6.44 -2.46
C PRO A 127 18.86 -5.54 -3.19
N THR A 128 19.08 -4.22 -3.15
CA THR A 128 18.12 -3.21 -3.67
C THR A 128 18.32 -3.07 -5.18
N ASN A 129 17.25 -2.68 -5.88
CA ASN A 129 17.18 -2.72 -7.35
C ASN A 129 18.41 -2.04 -7.95
N HIS A 130 18.77 -0.85 -7.49
N HIS A 130 18.77 -0.85 -7.49
CA HIS A 130 19.89 -0.06 -8.04
CA HIS A 130 19.90 -0.06 -8.03
C HIS A 130 21.24 -0.75 -7.77
C HIS A 130 21.23 -0.78 -7.79
N LYS A 131 21.37 -1.52 -6.69
CA LYS A 131 22.64 -2.25 -6.42
C LYS A 131 22.79 -3.37 -7.47
N VAL A 132 21.67 -3.92 -7.94
CA VAL A 132 21.55 -5.15 -8.77
C VAL A 132 21.67 -4.79 -10.26
N TYR A 133 21.19 -3.62 -10.68
CA TYR A 133 21.07 -3.21 -12.10
C TYR A 133 21.70 -1.86 -12.37
N GLY A 134 21.91 -1.05 -11.35
CA GLY A 134 22.41 0.32 -11.51
C GLY A 134 21.32 1.32 -11.19
N GLU A 135 21.69 2.56 -10.87
CA GLU A 135 20.74 3.64 -10.50
C GLU A 135 19.87 4.00 -11.70
N ASP A 136 20.47 4.08 -12.90
CA ASP A 136 19.76 4.50 -14.12
C ASP A 136 18.65 3.46 -14.39
N ILE A 137 18.99 2.19 -14.48
CA ILE A 137 17.96 1.13 -14.69
C ILE A 137 16.92 1.15 -13.55
N ALA A 138 17.32 1.27 -12.29
CA ALA A 138 16.38 1.32 -11.14
C ALA A 138 15.37 2.46 -11.33
N ILE A 139 15.85 3.67 -11.64
CA ILE A 139 14.96 4.84 -11.83
C ILE A 139 13.98 4.47 -12.94
N LEU A 140 14.48 3.88 -14.02
CA LEU A 140 13.65 3.60 -15.22
C LEU A 140 12.69 2.45 -14.93
N ALA A 141 13.08 1.43 -14.16
CA ALA A 141 12.16 0.30 -13.82
C ALA A 141 11.00 0.85 -12.97
N GLY A 142 11.29 1.80 -12.11
CA GLY A 142 10.23 2.46 -11.30
C GLY A 142 9.24 3.14 -12.22
N ASP A 143 9.74 3.96 -13.14
CA ASP A 143 8.91 4.69 -14.13
C ASP A 143 8.10 3.68 -14.92
N GLY A 144 8.71 2.57 -15.32
CA GLY A 144 8.02 1.55 -16.14
C GLY A 144 6.86 0.93 -15.40
N LEU A 145 7.06 0.62 -14.13
CA LEU A 145 6.02 0.01 -13.27
C LEU A 145 4.88 1.00 -13.05
N LEU A 146 5.19 2.27 -12.83
CA LEU A 146 4.14 3.29 -12.65
C LEU A 146 3.29 3.40 -13.93
N ALA A 147 3.93 3.58 -15.09
CA ALA A 147 3.26 3.54 -16.41
C ALA A 147 2.41 2.27 -16.54
N TYR A 148 2.99 1.10 -16.22
CA TYR A 148 2.34 -0.19 -16.54
C TYR A 148 1.08 -0.33 -15.67
N ALA A 149 1.14 0.16 -14.43
CA ALA A 149 -0.02 0.16 -13.52
C ALA A 149 -1.25 0.65 -14.29
N PHE A 150 -1.17 1.81 -14.92
CA PHE A 150 -2.32 2.43 -15.60
C PHE A 150 -2.71 1.61 -16.84
N GLU A 151 -1.74 1.19 -17.63
CA GLU A 151 -2.04 0.39 -18.83
C GLU A 151 -2.79 -0.87 -18.37
N TYR A 152 -2.29 -1.51 -17.33
CA TYR A 152 -2.73 -2.87 -16.91
C TYR A 152 -4.20 -2.83 -16.46
N VAL A 153 -4.53 -1.83 -15.66
CA VAL A 153 -5.90 -1.63 -15.15
C VAL A 153 -6.85 -1.57 -16.33
N VAL A 154 -6.54 -0.79 -17.35
CA VAL A 154 -7.52 -0.61 -18.45
C VAL A 154 -7.56 -1.88 -19.32
N THR A 155 -6.41 -2.36 -19.75
CA THR A 155 -6.32 -3.47 -20.75
C THR A 155 -6.91 -4.76 -20.15
N HIS A 156 -6.84 -4.97 -18.83
CA HIS A 156 -7.22 -6.24 -18.15
C HIS A 156 -8.57 -6.12 -17.40
N THR A 157 -9.33 -5.01 -17.51
CA THR A 157 -10.63 -4.86 -16.81
C THR A 157 -11.75 -4.41 -17.74
N PRO A 158 -11.97 -5.10 -18.88
CA PRO A 158 -13.02 -4.71 -19.81
C PRO A 158 -14.43 -4.93 -19.23
N GLN A 159 -14.59 -5.73 -18.18
CA GLN A 159 -15.94 -6.01 -17.59
C GLN A 159 -16.38 -4.90 -16.62
N ALA A 160 -15.49 -4.03 -16.18
CA ALA A 160 -15.85 -2.92 -15.29
C ALA A 160 -16.79 -1.96 -16.03
N ASP A 161 -17.67 -1.26 -15.32
CA ASP A 161 -18.38 -0.07 -15.85
C ASP A 161 -17.32 0.97 -16.22
N PRO A 162 -17.31 1.50 -17.45
CA PRO A 162 -16.29 2.46 -17.88
C PRO A 162 -16.15 3.70 -17.01
N GLN A 163 -17.23 4.24 -16.47
CA GLN A 163 -17.15 5.43 -15.56
C GLN A 163 -16.45 5.01 -14.26
N ALA A 164 -16.72 3.81 -13.75
CA ALA A 164 -16.03 3.30 -12.54
C ALA A 164 -14.51 3.17 -12.80
N LEU A 165 -14.09 2.54 -13.91
CA LEU A 165 -12.67 2.33 -14.22
C LEU A 165 -11.97 3.69 -14.29
N LEU A 166 -12.59 4.67 -14.92
CA LEU A 166 -12.00 6.02 -15.04
C LEU A 166 -11.86 6.63 -13.64
N GLN A 167 -12.83 6.43 -12.76
CA GLN A 167 -12.72 6.90 -11.35
C GLN A 167 -11.53 6.20 -10.66
N VAL A 168 -11.27 4.93 -10.99
CA VAL A 168 -10.13 4.18 -10.41
C VAL A 168 -8.85 4.85 -10.94
N ILE A 169 -8.80 5.20 -12.22
CA ILE A 169 -7.59 5.77 -12.86
C ILE A 169 -7.36 7.12 -12.17
N ALA A 170 -8.40 7.89 -12.04
CA ALA A 170 -8.31 9.25 -11.41
C ALA A 170 -7.74 9.10 -10.00
N ARG A 171 -8.28 8.14 -9.26
CA ARG A 171 -7.92 7.89 -7.85
C ARG A 171 -6.46 7.48 -7.78
N LEU A 172 -6.02 6.59 -8.69
CA LEU A 172 -4.63 6.11 -8.67
C LEU A 172 -3.69 7.28 -8.98
N GLY A 173 -3.98 8.10 -9.97
CA GLY A 173 -3.13 9.25 -10.34
C GLY A 173 -3.04 10.22 -9.18
N ARG A 174 -4.14 10.43 -8.50
CA ARG A 174 -4.21 11.38 -7.36
C ARG A 174 -3.43 10.78 -6.18
N THR A 175 -3.53 9.47 -5.98
CA THR A 175 -2.89 8.77 -4.86
C THR A 175 -1.37 8.84 -4.95
N VAL A 176 -0.83 8.72 -6.16
CA VAL A 176 0.62 8.60 -6.36
C VAL A 176 1.28 9.98 -6.28
N GLY A 177 0.58 11.03 -6.74
CA GLY A 177 1.22 12.33 -6.96
C GLY A 177 1.29 13.22 -5.73
N ALA A 178 1.40 14.52 -6.01
CA ALA A 178 1.78 15.56 -5.05
C ALA A 178 0.82 15.53 -3.85
N ALA A 179 -0.45 15.19 -4.06
CA ALA A 179 -1.52 15.16 -3.04
C ALA A 179 -1.52 13.82 -2.30
N GLY A 180 -0.69 12.87 -2.73
CA GLY A 180 -0.64 11.52 -2.15
C GLY A 180 0.79 11.14 -1.80
N LEU A 181 1.28 10.05 -2.41
CA LEU A 181 2.50 9.34 -2.03
C LEU A 181 3.72 10.25 -2.23
N VAL A 182 3.84 10.88 -3.38
CA VAL A 182 5.03 11.72 -3.68
C VAL A 182 5.00 12.94 -2.76
N GLY A 183 3.83 13.49 -2.51
CA GLY A 183 3.68 14.57 -1.51
C GLY A 183 4.22 14.10 -0.17
N GLY A 184 3.84 12.87 0.23
CA GLY A 184 4.30 12.28 1.50
C GLY A 184 5.81 12.14 1.57
N GLN A 185 6.48 11.68 0.50
CA GLN A 185 7.96 11.54 0.45
C GLN A 185 8.65 12.89 0.66
N VAL A 186 8.12 13.92 0.03
CA VAL A 186 8.64 15.30 0.20
C VAL A 186 8.41 15.73 1.65
N LEU A 187 7.23 15.48 2.22
CA LEU A 187 6.93 15.92 3.61
C LEU A 187 7.88 15.21 4.57
N ASP A 188 8.23 13.96 4.28
CA ASP A 188 9.14 13.12 5.08
C ASP A 188 10.56 13.69 4.99
N LEU A 189 11.04 13.99 3.79
CA LEU A 189 12.38 14.63 3.58
C LEU A 189 12.42 15.90 4.39
N GLU A 190 11.36 16.71 4.35
CA GLU A 190 11.28 18.04 5.01
C GLU A 190 11.34 17.88 6.55
N SER A 191 11.01 16.69 7.08
CA SER A 191 10.96 16.46 8.54
C SER A 191 12.35 16.15 9.10
N GLU A 192 13.34 15.78 8.29
CA GLU A 192 14.67 15.33 8.81
C GLU A 192 15.34 16.47 9.57
N GLY A 193 15.93 16.17 10.73
CA GLY A 193 16.74 17.13 11.52
C GLY A 193 15.96 18.36 11.93
N ARG A 194 14.67 18.22 12.18
CA ARG A 194 13.82 19.34 12.64
C ARG A 194 13.42 19.09 14.10
N THR A 195 13.17 20.15 14.84
CA THR A 195 12.90 20.02 16.28
C THR A 195 11.46 20.42 16.51
N ASP A 196 10.68 20.63 15.45
CA ASP A 196 9.33 21.21 15.61
C ASP A 196 8.31 20.21 15.11
N ILE A 197 8.70 18.94 14.91
CA ILE A 197 7.72 17.92 14.49
C ILE A 197 6.75 17.71 15.66
N THR A 198 5.45 17.67 15.39
CA THR A 198 4.41 17.30 16.37
C THR A 198 3.75 16.00 15.94
N PRO A 199 3.01 15.33 16.84
CA PRO A 199 2.18 14.17 16.45
C PRO A 199 1.32 14.52 15.22
N GLU A 200 0.73 15.71 15.21
CA GLU A 200 -0.06 16.18 14.04
C GLU A 200 0.80 16.21 12.76
N THR A 201 2.05 16.68 12.78
CA THR A 201 2.79 16.87 11.51
C THR A 201 3.31 15.48 11.10
N LEU A 202 3.63 14.61 12.07
CA LEU A 202 4.07 13.24 11.77
C LEU A 202 2.89 12.50 11.12
N THR A 203 1.71 12.63 11.68
CA THR A 203 0.47 12.06 11.09
C THR A 203 0.26 12.61 9.69
N PHE A 204 0.49 13.92 9.47
CA PHE A 204 0.30 14.53 8.12
C PHE A 204 1.21 13.80 7.11
N ILE A 205 2.46 13.54 7.47
CA ILE A 205 3.44 12.82 6.62
C ILE A 205 2.84 11.47 6.28
N HIS A 206 2.47 10.69 7.29
CA HIS A 206 2.06 9.26 7.11
C HIS A 206 0.75 9.16 6.32
N THR A 207 -0.19 10.08 6.49
CA THR A 207 -1.50 10.03 5.78
C THR A 207 -1.25 10.18 4.26
N HIS A 208 -0.22 10.95 3.85
CA HIS A 208 0.19 11.07 2.42
C HIS A 208 1.08 9.91 2.00
N LYS A 209 2.15 9.64 2.74
CA LYS A 209 3.24 8.73 2.32
C LYS A 209 2.71 7.32 2.18
N THR A 210 1.86 6.88 3.11
CA THR A 210 1.35 5.47 3.08
C THR A 210 -0.18 5.44 3.09
N GLY A 211 -0.85 6.42 3.71
CA GLY A 211 -2.30 6.38 3.92
C GLY A 211 -3.05 6.52 2.61
N ALA A 212 -2.59 7.40 1.74
CA ALA A 212 -3.24 7.64 0.43
C ALA A 212 -3.28 6.31 -0.34
N LEU A 213 -2.21 5.54 -0.34
CA LEU A 213 -2.16 4.31 -1.18
C LEU A 213 -3.00 3.20 -0.51
N LEU A 214 -3.04 3.15 0.83
CA LEU A 214 -3.88 2.11 1.50
C LEU A 214 -5.34 2.45 1.20
N GLU A 215 -5.68 3.72 1.29
CA GLU A 215 -7.04 4.22 1.05
C GLU A 215 -7.41 3.90 -0.39
N ALA A 216 -6.56 4.23 -1.34
CA ALA A 216 -6.75 3.89 -2.77
C ALA A 216 -7.00 2.39 -2.90
N SER A 217 -6.26 1.57 -2.14
CA SER A 217 -6.33 0.09 -2.25
C SER A 217 -7.75 -0.37 -1.90
N VAL A 218 -8.40 0.15 -0.83
CA VAL A 218 -9.77 -0.30 -0.46
C VAL A 218 -10.78 0.46 -1.32
N LEU A 219 -10.54 1.74 -1.64
CA LEU A 219 -11.54 2.51 -2.42
C LEU A 219 -11.58 2.05 -3.89
N THR A 220 -10.46 1.74 -4.54
CA THR A 220 -10.51 1.22 -5.94
C THR A 220 -11.33 -0.08 -5.98
N GLY A 221 -11.09 -1.01 -5.05
CA GLY A 221 -11.92 -2.22 -4.95
C GLY A 221 -13.41 -1.92 -4.82
N ALA A 222 -13.77 -1.03 -3.89
CA ALA A 222 -15.17 -0.65 -3.64
C ALA A 222 -15.77 0.04 -4.86
N ILE A 223 -15.04 0.97 -5.45
CA ILE A 223 -15.52 1.71 -6.65
C ILE A 223 -15.80 0.71 -7.79
N LEU A 224 -14.91 -0.25 -8.01
CA LEU A 224 -15.10 -1.28 -9.05
C LEU A 224 -16.44 -2.00 -8.79
N ALA A 225 -16.77 -2.35 -7.54
CA ALA A 225 -18.00 -3.07 -7.16
C ALA A 225 -19.24 -2.17 -7.13
N GLY A 226 -19.11 -0.87 -7.31
CA GLY A 226 -20.28 0.03 -7.37
C GLY A 226 -20.70 0.52 -5.99
N ALA A 227 -19.81 0.51 -5.00
CA ALA A 227 -20.11 0.97 -3.62
C ALA A 227 -20.57 2.42 -3.61
N THR A 228 -21.38 2.79 -2.62
CA THR A 228 -21.97 4.14 -2.46
C THR A 228 -20.93 5.08 -1.88
N GLY A 229 -21.18 6.39 -1.97
CA GLY A 229 -20.30 7.36 -1.33
C GLY A 229 -20.21 7.09 0.16
N GLU A 230 -21.31 6.66 0.76
CA GLU A 230 -21.42 6.44 2.22
C GLU A 230 -20.53 5.26 2.57
N GLN A 231 -20.55 4.21 1.74
CA GLN A 231 -19.78 2.98 2.01
C GLN A 231 -18.30 3.31 1.83
N GLN A 232 -17.97 4.06 0.78
CA GLN A 232 -16.58 4.51 0.52
C GLN A 232 -16.04 5.30 1.71
N GLN A 233 -16.84 6.18 2.31
CA GLN A 233 -16.35 7.02 3.43
C GLN A 233 -15.95 6.11 4.63
N ARG A 234 -16.72 5.07 4.91
CA ARG A 234 -16.38 4.11 5.99
C ARG A 234 -15.08 3.42 5.63
N LEU A 235 -14.94 2.95 4.38
CA LEU A 235 -13.71 2.23 3.99
C LEU A 235 -12.50 3.16 4.08
N ALA A 236 -12.65 4.46 3.76
CA ALA A 236 -11.55 5.46 3.82
C ALA A 236 -11.14 5.62 5.27
N ARG A 237 -12.10 5.66 6.22
CA ARG A 237 -11.79 5.80 7.67
C ARG A 237 -11.03 4.56 8.10
N TYR A 238 -11.57 3.40 7.79
CA TYR A 238 -10.83 2.14 8.06
C TYR A 238 -9.38 2.29 7.56
N ALA A 239 -9.19 2.60 6.27
CA ALA A 239 -7.87 2.55 5.61
C ALA A 239 -6.90 3.54 6.26
N GLN A 240 -7.33 4.78 6.50
CA GLN A 240 -6.53 5.82 7.16
C GLN A 240 -6.08 5.30 8.53
N ASN A 241 -6.99 4.69 9.29
N ASN A 241 -7.01 4.69 9.27
CA ASN A 241 -6.70 4.26 10.68
CA ASN A 241 -6.80 4.25 10.66
C ASN A 241 -5.76 3.07 10.67
C ASN A 241 -5.80 3.08 10.67
N ILE A 242 -5.97 2.09 9.80
CA ILE A 242 -5.00 0.96 9.76
C ILE A 242 -3.63 1.50 9.28
N GLY A 243 -3.58 2.46 8.35
CA GLY A 243 -2.29 3.04 7.90
C GLY A 243 -1.53 3.65 9.04
N LEU A 244 -2.17 4.54 9.81
CA LEU A 244 -1.51 5.18 10.97
C LEU A 244 -1.13 4.12 11.99
N ALA A 245 -2.06 3.24 12.35
CA ALA A 245 -1.78 2.16 13.34
C ALA A 245 -0.49 1.43 12.95
N PHE A 246 -0.30 1.07 11.68
CA PHE A 246 0.93 0.38 11.22
C PHE A 246 2.16 1.24 11.57
N GLN A 247 2.10 2.54 11.28
CA GLN A 247 3.26 3.44 11.48
C GLN A 247 3.53 3.64 12.97
N VAL A 248 2.48 3.71 13.80
CA VAL A 248 2.69 3.86 15.27
C VAL A 248 3.36 2.59 15.79
N VAL A 249 2.80 1.44 15.45
CA VAL A 249 3.34 0.14 15.96
C VAL A 249 4.80 -0.02 15.52
N ASP A 250 5.09 0.33 14.28
CA ASP A 250 6.45 0.27 13.72
C ASP A 250 7.41 1.07 14.61
N ASP A 251 7.04 2.32 14.92
CA ASP A 251 7.85 3.24 15.76
C ASP A 251 8.01 2.60 17.13
N ILE A 252 6.95 1.94 17.63
CA ILE A 252 6.98 1.34 19.00
C ILE A 252 7.99 0.22 18.94
N LEU A 253 7.93 -0.60 17.90
CA LEU A 253 8.85 -1.77 17.78
C LEU A 253 10.28 -1.26 17.58
N ASP A 254 10.48 -0.22 16.78
CA ASP A 254 11.84 0.37 16.60
C ASP A 254 12.42 0.66 17.99
N ILE A 255 11.75 1.54 18.76
CA ILE A 255 12.26 2.12 20.03
C ILE A 255 12.33 1.03 21.12
N THR A 256 11.68 -0.11 20.97
CA THR A 256 11.76 -1.20 21.96
C THR A 256 12.92 -2.15 21.61
N ALA A 257 13.38 -2.21 20.35
CA ALA A 257 14.29 -3.29 19.85
C ALA A 257 15.74 -3.02 20.24
N LYS A 271 23.06 10.10 9.63
CA LYS A 271 21.58 10.32 9.57
C LYS A 271 21.15 11.35 10.63
N ALA A 272 20.66 12.52 10.18
CA ALA A 272 19.95 13.52 11.02
C ALA A 272 18.84 12.84 11.81
N GLN A 273 18.52 13.37 12.99
CA GLN A 273 17.43 12.85 13.86
C GLN A 273 16.08 12.92 13.13
N LYS A 274 15.15 12.07 13.53
N LYS A 274 15.15 12.08 13.54
CA LYS A 274 13.73 12.16 13.11
CA LYS A 274 13.74 12.17 13.11
C LYS A 274 12.87 11.75 14.30
C LYS A 274 12.86 11.75 14.30
N ALA A 275 11.97 12.64 14.70
CA ALA A 275 10.99 12.41 15.78
C ALA A 275 10.09 11.25 15.34
N THR A 276 9.73 10.40 16.29
CA THR A 276 8.78 9.26 16.14
C THR A 276 7.62 9.40 17.12
N TYR A 277 6.60 8.54 17.01
CA TYR A 277 5.43 8.64 17.93
C TYR A 277 5.92 8.51 19.37
N PRO A 278 6.67 7.46 19.71
CA PRO A 278 7.11 7.31 21.10
C PRO A 278 8.01 8.47 21.57
N SER A 279 8.88 8.98 20.68
CA SER A 279 9.78 10.10 21.06
C SER A 279 8.95 11.37 21.34
N LEU A 280 7.79 11.57 20.68
CA LEU A 280 6.92 12.75 20.86
C LEU A 280 5.88 12.54 21.94
N LEU A 281 5.28 11.34 22.05
CA LEU A 281 4.10 11.08 22.93
C LEU A 281 4.47 10.25 24.17
N GLY A 282 5.59 9.53 24.13
CA GLY A 282 5.91 8.48 25.10
C GLY A 282 5.30 7.18 24.65
N LEU A 283 5.83 6.11 25.16
CA LEU A 283 5.43 4.75 24.74
C LEU A 283 4.02 4.44 25.25
N GLU A 284 3.61 4.88 26.45
CA GLU A 284 2.25 4.56 26.96
C GLU A 284 1.17 5.11 26.02
N ALA A 285 1.22 6.40 25.71
CA ALA A 285 0.24 7.08 24.83
C ALA A 285 0.39 6.53 23.41
N SER A 286 1.60 6.25 22.95
CA SER A 286 1.81 5.67 21.57
C SER A 286 0.98 4.38 21.50
N ARG A 287 1.13 3.53 22.50
CA ARG A 287 0.48 2.21 22.50
C ARG A 287 -1.03 2.37 22.55
N ALA A 288 -1.56 3.32 23.34
CA ALA A 288 -3.01 3.54 23.49
C ALA A 288 -3.56 4.09 22.16
N GLN A 289 -2.79 4.94 21.51
CA GLN A 289 -3.19 5.54 20.21
C GLN A 289 -3.21 4.43 19.17
N ALA A 290 -2.28 3.50 19.15
CA ALA A 290 -2.32 2.41 18.15
C ALA A 290 -3.58 1.59 18.39
N GLN A 291 -3.85 1.23 19.65
CA GLN A 291 -5.03 0.37 19.98
C GLN A 291 -6.29 1.09 19.53
N SER A 292 -6.37 2.39 19.79
CA SER A 292 -7.56 3.20 19.54
C SER A 292 -7.80 3.35 18.03
N LEU A 293 -6.74 3.57 17.26
CA LEU A 293 -6.82 3.58 15.78
C LEU A 293 -7.38 2.24 15.30
N ILE A 294 -6.88 1.13 15.81
CA ILE A 294 -7.36 -0.21 15.36
C ILE A 294 -8.83 -0.37 15.76
N ASP A 295 -9.21 0.03 16.98
CA ASP A 295 -10.62 -0.02 17.41
C ASP A 295 -11.49 0.80 16.46
N GLN A 296 -11.07 2.00 16.07
CA GLN A 296 -11.92 2.86 15.21
C GLN A 296 -11.99 2.26 13.81
N ALA A 297 -10.90 1.69 13.32
CA ALA A 297 -10.93 1.00 12.01
C ALA A 297 -11.98 -0.13 12.04
N ILE A 298 -12.05 -0.89 13.12
CA ILE A 298 -12.97 -2.08 13.21
C ILE A 298 -14.41 -1.57 13.34
N VAL A 299 -14.67 -0.61 14.21
CA VAL A 299 -16.02 -0.04 14.38
C VAL A 299 -16.50 0.59 13.07
N ALA A 300 -15.63 1.23 12.32
CA ALA A 300 -15.95 1.92 11.05
C ALA A 300 -16.58 0.91 10.09
N LEU A 301 -16.14 -0.35 10.08
CA LEU A 301 -16.68 -1.35 9.15
C LEU A 301 -17.85 -2.17 9.73
N GLU A 302 -18.21 -1.99 10.98
CA GLU A 302 -19.25 -2.83 11.60
C GLU A 302 -20.58 -2.73 10.83
N PRO A 303 -21.01 -1.54 10.35
CA PRO A 303 -22.26 -1.39 9.59
C PRO A 303 -22.34 -2.09 8.23
N PHE A 304 -21.25 -2.66 7.71
CA PHE A 304 -21.29 -3.51 6.50
C PHE A 304 -21.82 -4.89 6.87
N GLY A 305 -21.89 -5.20 8.16
CA GLY A 305 -22.34 -6.53 8.63
C GLY A 305 -21.17 -7.49 8.60
N PRO A 306 -21.42 -8.79 8.74
CA PRO A 306 -20.34 -9.77 8.78
C PRO A 306 -19.47 -9.87 7.53
N SER A 307 -19.94 -9.41 6.39
CA SER A 307 -19.08 -9.39 5.18
C SER A 307 -17.78 -8.63 5.48
N ALA A 308 -17.73 -7.72 6.46
CA ALA A 308 -16.52 -6.91 6.75
C ALA A 308 -15.49 -7.70 7.57
N GLU A 309 -15.80 -8.92 7.99
CA GLU A 309 -14.96 -9.58 9.00
C GLU A 309 -13.51 -9.74 8.52
N PRO A 310 -13.23 -10.10 7.25
CA PRO A 310 -11.84 -10.21 6.79
C PRO A 310 -11.03 -8.92 6.95
N LEU A 311 -11.59 -7.78 6.54
CA LEU A 311 -10.89 -6.47 6.71
C LEU A 311 -10.71 -6.18 8.20
N GLN A 312 -11.69 -6.50 9.01
CA GLN A 312 -11.60 -6.29 10.47
C GLN A 312 -10.46 -7.17 11.05
N ALA A 313 -10.29 -8.39 10.55
CA ALA A 313 -9.24 -9.31 11.03
C ALA A 313 -7.86 -8.74 10.65
N ILE A 314 -7.73 -8.12 9.47
CA ILE A 314 -6.46 -7.50 8.98
C ILE A 314 -6.12 -6.39 9.98
N ALA A 315 -7.09 -5.58 10.36
CA ALA A 315 -6.87 -4.49 11.34
C ALA A 315 -6.38 -5.07 12.66
N GLU A 316 -7.04 -6.12 13.19
CA GLU A 316 -6.72 -6.69 14.54
C GLU A 316 -5.27 -7.19 14.55
N TYR A 317 -4.87 -7.80 13.44
CA TYR A 317 -3.53 -8.37 13.23
C TYR A 317 -2.45 -7.33 13.59
N ILE A 318 -2.66 -6.09 13.15
CA ILE A 318 -1.65 -4.98 13.27
C ILE A 318 -1.21 -4.81 14.73
N VAL A 319 -2.11 -5.05 15.72
CA VAL A 319 -1.89 -4.84 17.19
C VAL A 319 -1.78 -6.16 17.98
N ALA A 320 -1.85 -7.35 17.37
CA ALA A 320 -2.01 -8.65 18.09
C ALA A 320 -0.85 -8.88 19.08
C1 IPE B . 8.93 3.54 1.57
O1 IPE B . 8.83 4.47 2.67
C2 IPE B . 8.26 4.16 0.37
C3 IPE B . 6.85 4.61 0.62
C4 IPE B . 6.43 5.81 0.22
C5 IPE B . 5.93 3.60 1.30
PA IPE B . 9.78 4.31 3.96
O1A IPE B . 10.93 5.26 3.90
O2A IPE B . 8.87 4.37 5.14
O3A IPE B . 10.33 2.80 3.82
PB IPE B . 11.68 2.11 4.41
O1B IPE B . 11.61 0.62 4.07
O2B IPE B . 12.86 2.79 3.71
O3B IPE B . 11.61 2.41 5.90
MG MG C . -19.30 -7.34 12.56
MG MG D . 8.18 5.71 11.56
MG MG E . 12.55 5.05 3.29
MG MG F . 14.28 2.94 2.13
CL CL G . -24.06 -1.11 3.93
#